data_6ITF
#
_entry.id   6ITF
#
_cell.length_a   1
_cell.length_b   1
_cell.length_c   1
_cell.angle_alpha   90
_cell.angle_beta   90
_cell.angle_gamma   90
#
_symmetry.space_group_name_H-M   'P 1'
#
_entity_poly.entity_id   1
_entity_poly.type   'polypeptide(L)'
_entity_poly.pdbx_seq_one_letter_code
;MVNNNRPRRQRAQRVVVTTTQTAPVPQQNVPRNGRRRRNRTRRNRRRVRGMNMAALTRLSQPGLAFLKCAFAPPDFNTDP
GKGIPDRFEGKVVSRKDVLNQSISFTAGQDTFILIAPTPGVAYWSASVPAGTFPTSATTFNPVNYPGFTSMFGTTSTSRS
DQVSSFRYASMNVGIYPTSNLMQFAGSITVWKCPVKLSTVQFPVATDPATSSLVHTLVGLDGVLAVGPDNFSESFIKGVF
SQSACNEPDFEFNDILEGIQTLPPANVSLGSTGQPFTMDSGAEATSGVVGWGNMDTIVIRVSAPEGAVNSAILKAWSCIE
YRPNPNAMLYQFGHDSPPLDEVALQEYRTVARSLPVAVIAAQN
;
_entity_poly.pdbx_strand_id   A,B,C
#
# COMPACT_ATOMS: atom_id res chain seq x y z
N ASN A 100 15.20 21.19 20.41
CA ASN A 100 16.44 21.37 19.67
C ASN A 100 16.69 22.85 19.51
N GLN A 101 15.97 23.47 18.60
CA GLN A 101 16.10 24.90 18.42
C GLN A 101 15.29 25.66 19.46
N SER A 102 15.20 26.98 19.31
CA SER A 102 14.42 27.81 20.22
C SER A 102 13.60 28.76 19.37
N ILE A 103 12.33 28.90 19.71
CA ILE A 103 11.40 29.38 18.71
C ILE A 103 10.57 30.52 19.29
N SER A 104 9.92 31.31 18.43
CA SER A 104 8.95 32.33 18.79
C SER A 104 7.83 32.32 17.75
N PHE A 105 6.62 32.69 18.17
CA PHE A 105 5.45 32.66 17.30
C PHE A 105 4.81 34.04 17.18
N THR A 106 4.27 34.32 16.01
CA THR A 106 3.66 35.60 15.72
C THR A 106 2.23 35.63 16.26
N ALA A 107 1.78 36.81 16.68
CA ALA A 107 0.40 37.01 17.12
C ALA A 107 -0.58 36.84 15.96
N GLY A 108 -1.85 36.71 16.32
CA GLY A 108 -2.91 36.57 15.34
C GLY A 108 -3.06 35.19 14.75
N GLN A 109 -2.12 34.29 15.02
CA GLN A 109 -2.04 33.01 14.34
C GLN A 109 -1.95 31.90 15.38
N ASP A 110 -2.24 30.68 14.96
CA ASP A 110 -1.88 29.49 15.73
C ASP A 110 -1.16 28.50 14.81
N THR A 111 -0.12 27.86 15.33
CA THR A 111 0.70 26.98 14.52
C THR A 111 0.34 25.53 14.77
N PHE A 112 0.45 24.71 13.74
CA PHE A 112 0.13 23.30 13.81
C PHE A 112 1.38 22.51 13.42
N ILE A 113 2.27 22.31 14.38
CA ILE A 113 3.44 21.48 14.15
C ILE A 113 2.94 20.07 14.39
N LEU A 114 3.60 19.10 13.77
CA LEU A 114 3.13 17.72 13.81
C LEU A 114 4.21 16.90 14.49
N ILE A 115 3.89 15.68 14.88
CA ILE A 115 4.97 14.71 14.90
C ILE A 115 4.54 13.70 13.86
N VAL A 121 7.64 14.80 8.75
CA VAL A 121 8.38 14.05 9.75
C VAL A 121 8.90 14.94 10.88
N ALA A 122 8.00 15.28 11.80
CA ALA A 122 8.24 16.04 13.03
C ALA A 122 8.71 17.48 12.79
N TYR A 123 8.63 17.99 11.57
CA TYR A 123 8.76 19.43 11.32
C TYR A 123 7.86 19.94 10.21
N TRP A 124 6.60 20.21 10.52
CA TRP A 124 5.68 20.83 9.57
C TRP A 124 4.70 21.64 10.39
N SER A 125 4.99 22.91 10.52
CA SER A 125 4.23 23.80 11.36
C SER A 125 3.26 24.57 10.49
N ALA A 126 2.11 23.95 10.24
CA ALA A 126 1.07 24.61 9.47
C ALA A 126 0.53 25.72 10.37
N SER A 127 0.01 26.77 9.76
CA SER A 127 -0.40 27.92 10.53
C SER A 127 -1.54 28.62 9.82
N VAL A 128 -2.54 28.98 10.61
CA VAL A 128 -3.76 29.62 10.15
C VAL A 128 -3.98 30.75 11.14
N PRO A 129 -4.89 31.71 10.93
CA PRO A 129 -5.12 32.73 11.96
C PRO A 129 -5.73 32.17 13.23
N ALA A 130 -5.72 33.00 14.27
CA ALA A 130 -6.01 32.55 15.62
C ALA A 130 -7.45 32.09 15.75
N GLY A 131 -7.62 30.85 16.19
CA GLY A 131 -8.92 30.23 16.32
C GLY A 131 -9.34 29.39 15.14
N THR A 132 -8.72 29.56 13.98
CA THR A 132 -9.17 28.94 12.74
C THR A 132 -8.54 27.54 12.63
N PHE A 133 -8.78 26.80 11.56
CA PHE A 133 -8.39 25.42 11.35
C PHE A 133 -7.77 25.37 9.97
N PRO A 134 -7.07 24.31 9.57
CA PRO A 134 -6.41 24.31 8.26
C PRO A 134 -7.41 24.28 7.12
N THR A 135 -6.95 24.76 5.98
CA THR A 135 -7.75 24.91 4.79
C THR A 135 -7.29 23.91 3.76
N SER A 136 -7.90 23.98 2.58
CA SER A 136 -7.35 23.28 1.44
C SER A 136 -5.99 23.83 1.06
N ALA A 137 -5.89 25.16 0.99
CA ALA A 137 -4.64 25.81 0.60
C ALA A 137 -3.60 25.79 1.71
N THR A 138 -3.95 25.30 2.89
CA THR A 138 -2.96 25.10 3.93
C THR A 138 -1.95 24.07 3.47
N THR A 139 -0.76 24.54 3.13
CA THR A 139 0.22 23.74 2.41
C THR A 139 1.59 24.08 2.95
N PHE A 140 2.10 23.25 3.86
CA PHE A 140 3.31 23.67 4.54
C PHE A 140 4.50 22.91 3.95
N ASN A 141 5.65 23.01 4.60
CA ASN A 141 6.98 22.64 4.15
C ASN A 141 7.69 21.87 5.25
N PRO A 142 8.74 21.12 4.94
CA PRO A 142 9.52 20.51 6.02
C PRO A 142 10.78 21.30 6.34
N VAL A 143 11.15 21.36 7.62
CA VAL A 143 12.42 21.96 8.05
C VAL A 143 13.24 20.89 8.76
N ASN A 144 14.18 20.29 8.04
CA ASN A 144 14.63 18.92 8.27
C ASN A 144 15.41 18.70 9.57
N TYR A 145 15.68 17.43 9.84
CA TYR A 145 16.30 16.81 10.99
C TYR A 145 17.73 17.26 11.18
N PRO A 146 18.31 17.04 12.36
CA PRO A 146 19.76 17.11 12.49
C PRO A 146 20.44 16.08 11.58
N GLY A 147 21.11 16.58 10.55
CA GLY A 147 21.84 15.71 9.66
C GLY A 147 20.98 14.83 8.78
N PHE A 148 20.35 15.40 7.74
CA PHE A 148 19.48 14.56 6.91
C PHE A 148 20.05 14.30 5.51
N THR A 149 20.48 15.36 4.82
CA THR A 149 20.71 15.26 3.37
C THR A 149 21.91 14.38 3.07
N SER A 150 22.80 14.23 4.03
CA SER A 150 23.93 13.32 3.87
C SER A 150 23.48 11.87 3.92
N MET A 151 22.40 11.61 4.65
CA MET A 151 21.95 10.23 4.80
C MET A 151 21.29 9.70 3.54
N PHE A 152 20.38 10.47 2.95
CA PHE A 152 19.62 9.99 1.82
C PHE A 152 19.93 10.77 0.55
N GLY A 153 21.07 11.44 0.53
CA GLY A 153 21.61 11.98 -0.70
C GLY A 153 20.91 13.21 -1.25
N THR A 154 21.56 13.76 -2.28
CA THR A 154 21.05 14.88 -3.04
C THR A 154 20.25 14.43 -4.24
N THR A 155 20.23 13.14 -4.50
CA THR A 155 19.56 12.59 -5.67
C THR A 155 18.24 12.00 -5.23
N SER A 156 17.17 12.37 -5.94
CA SER A 156 15.81 11.96 -5.60
C SER A 156 15.65 10.47 -5.57
N THR A 157 15.96 9.78 -6.66
CA THR A 157 15.91 8.32 -6.72
C THR A 157 16.82 7.65 -5.72
N SER A 158 17.84 8.36 -5.22
CA SER A 158 18.69 7.84 -4.17
C SER A 158 18.13 8.07 -2.78
N ARG A 159 16.83 8.31 -2.63
CA ARG A 159 16.24 8.50 -1.32
C ARG A 159 16.18 7.20 -0.53
N SER A 160 16.36 6.05 -1.19
CA SER A 160 16.46 4.76 -0.51
C SER A 160 17.66 3.98 -1.07
N ASP A 161 18.82 4.63 -1.14
CA ASP A 161 20.02 3.92 -1.56
C ASP A 161 21.02 3.64 -0.45
N GLN A 162 20.62 3.68 0.81
CA GLN A 162 21.45 3.13 1.87
C GLN A 162 20.63 2.22 2.76
N VAL A 163 19.40 2.65 3.00
CA VAL A 163 18.44 2.19 4.00
C VAL A 163 19.07 1.66 5.28
N GLY A 174 8.67 17.08 26.04
CA GLY A 174 7.67 17.99 25.50
C GLY A 174 8.26 19.32 25.10
N ILE A 175 7.47 20.39 25.24
CA ILE A 175 7.97 21.71 24.92
C ILE A 175 8.01 22.50 26.22
N TYR A 176 8.71 23.64 26.19
CA TYR A 176 8.81 24.51 27.35
C TYR A 176 8.82 25.92 26.79
N PRO A 177 8.25 26.89 27.47
CA PRO A 177 8.22 28.25 26.94
C PRO A 177 9.60 28.90 27.00
N THR A 178 9.83 29.86 26.10
CA THR A 178 10.87 30.86 26.27
C THR A 178 10.27 32.26 26.35
N SER A 179 9.29 32.46 27.23
CA SER A 179 8.67 33.78 27.38
C SER A 179 8.66 34.23 28.83
N ASN A 180 8.52 35.54 29.01
CA ASN A 180 8.37 36.15 30.32
C ASN A 180 6.93 36.04 30.82
N LEU A 181 6.59 36.83 31.83
CA LEU A 181 5.42 36.48 32.65
C LEU A 181 4.24 37.42 32.46
N MET A 182 4.45 38.73 32.31
CA MET A 182 3.29 39.63 32.23
C MET A 182 2.74 39.73 30.82
N GLN A 183 3.17 38.82 29.96
CA GLN A 183 2.51 38.55 28.71
C GLN A 183 1.52 37.42 28.86
N PHE A 184 0.89 37.29 30.05
CA PHE A 184 0.17 36.08 30.42
C PHE A 184 -1.02 35.87 29.48
N ALA A 185 -0.76 34.98 28.53
CA ALA A 185 -1.59 34.74 27.36
C ALA A 185 -1.03 33.51 26.65
N GLY A 186 -1.91 32.62 26.21
CA GLY A 186 -1.49 31.48 25.42
C GLY A 186 -2.21 30.17 25.68
N SER A 187 -1.79 29.13 24.95
CA SER A 187 -2.36 27.79 25.08
C SER A 187 -1.47 26.78 24.37
N ILE A 188 -1.62 25.52 24.77
CA ILE A 188 -1.21 24.38 23.96
C ILE A 188 -2.44 23.51 23.83
N THR A 189 -2.61 22.88 22.68
CA THR A 189 -3.68 21.90 22.57
C THR A 189 -3.24 20.74 21.69
N VAL A 190 -3.32 19.54 22.25
CA VAL A 190 -3.02 18.32 21.54
C VAL A 190 -4.17 17.34 21.76
N TRP A 191 -4.74 16.85 20.66
CA TRP A 191 -5.75 15.79 20.61
C TRP A 191 -5.01 14.45 20.53
N LYS A 192 -5.67 13.45 19.92
CA LYS A 192 -5.13 12.80 18.71
C LYS A 192 -6.05 11.73 18.14
N CYS A 193 -5.90 11.55 16.83
CA CYS A 193 -6.12 11.04 15.48
C CYS A 193 -4.94 10.25 14.94
N PRO A 194 -5.24 9.14 14.28
CA PRO A 194 -4.22 8.39 13.52
C PRO A 194 -4.21 8.78 12.04
N VAL A 195 -3.03 8.78 11.44
CA VAL A 195 -2.85 9.08 10.02
C VAL A 195 -2.40 7.82 9.31
N LYS A 196 -3.16 7.41 8.30
CA LYS A 196 -2.81 6.26 7.47
C LYS A 196 -2.61 6.69 6.03
N LEU A 197 -1.39 6.48 5.54
CA LEU A 197 -1.09 6.66 4.13
C LEU A 197 -1.75 5.55 3.36
N SER A 198 -2.72 5.90 2.53
CA SER A 198 -3.48 4.95 1.75
C SER A 198 -3.45 5.33 0.28
N THR A 199 -4.26 4.64 -0.49
CA THR A 199 -4.28 4.80 -1.92
C THR A 199 -5.64 5.32 -2.36
N VAL A 200 -5.66 5.83 -3.59
CA VAL A 200 -6.87 6.25 -4.24
C VAL A 200 -6.63 6.21 -5.75
N GLN A 201 -7.57 5.62 -6.47
CA GLN A 201 -7.53 5.63 -7.92
C GLN A 201 -8.45 6.72 -8.42
N PHE A 202 -8.39 7.00 -9.71
CA PHE A 202 -9.31 7.93 -10.35
C PHE A 202 -9.26 7.73 -11.86
N PRO A 203 -10.41 7.57 -12.51
CA PRO A 203 -10.40 7.39 -13.96
C PRO A 203 -10.27 8.71 -14.69
N VAL A 204 -9.28 8.83 -15.58
CA VAL A 204 -9.04 10.05 -16.31
C VAL A 204 -9.14 9.76 -17.79
N ALA A 205 -9.97 10.54 -18.49
CA ALA A 205 -10.17 10.39 -19.93
C ALA A 205 -8.92 10.88 -20.65
N THR A 206 -7.90 10.02 -20.67
CA THR A 206 -6.73 10.17 -21.51
C THR A 206 -7.00 9.46 -22.82
N ASP A 207 -5.95 9.26 -23.62
CA ASP A 207 -6.10 8.60 -24.90
C ASP A 207 -5.15 7.39 -24.94
N PRO A 208 -5.62 6.18 -24.62
CA PRO A 208 -6.94 5.82 -24.08
C PRO A 208 -7.09 6.19 -22.61
N ALA A 209 -8.33 6.16 -22.12
CA ALA A 209 -8.64 6.65 -20.78
C ALA A 209 -8.03 5.77 -19.71
N THR A 210 -7.36 6.40 -18.75
CA THR A 210 -6.59 5.69 -17.75
C THR A 210 -7.21 5.86 -16.37
N SER A 211 -6.80 4.98 -15.46
CA SER A 211 -7.15 5.07 -14.05
C SER A 211 -5.87 5.05 -13.25
N SER A 212 -5.54 6.19 -12.65
CA SER A 212 -4.26 6.37 -11.98
C SER A 212 -4.44 6.18 -10.49
N LEU A 213 -3.67 5.26 -9.93
CA LEU A 213 -3.65 4.99 -8.50
C LEU A 213 -2.61 5.91 -7.89
N VAL A 214 -2.97 6.63 -6.83
CA VAL A 214 -2.07 7.60 -6.23
C VAL A 214 -2.26 7.54 -4.72
N HIS A 215 -1.37 8.22 -4.00
CA HIS A 215 -1.32 8.13 -2.55
C HIS A 215 -2.22 9.16 -1.88
N THR A 216 -2.57 8.85 -0.63
CA THR A 216 -3.36 9.73 0.19
C THR A 216 -3.19 9.37 1.65
N LEU A 217 -3.17 10.37 2.50
CA LEU A 217 -3.33 10.18 3.94
C LEU A 217 -4.80 10.33 4.25
N VAL A 218 -5.35 9.36 4.98
CA VAL A 218 -6.79 9.30 5.19
C VAL A 218 -7.07 9.31 6.68
N GLY A 219 -8.33 9.54 7.03
CA GLY A 219 -8.77 9.49 8.41
C GLY A 219 -8.29 10.65 9.26
N LEU A 220 -7.72 11.68 8.65
CA LEU A 220 -7.02 12.69 9.43
C LEU A 220 -7.99 13.67 10.06
N ASP A 221 -9.27 13.57 9.72
CA ASP A 221 -10.19 14.68 9.87
C ASP A 221 -10.52 15.02 11.32
N GLY A 222 -10.04 14.20 12.26
CA GLY A 222 -10.03 14.57 13.65
C GLY A 222 -9.20 15.80 13.91
N VAL A 223 -8.18 16.06 13.08
CA VAL A 223 -7.40 17.29 13.09
C VAL A 223 -8.28 18.52 12.99
N LEU A 224 -9.23 18.53 12.08
CA LEU A 224 -9.94 19.75 11.76
C LEU A 224 -10.98 20.14 12.79
N ALA A 225 -11.11 19.42 13.89
CA ALA A 225 -12.17 19.66 14.85
C ALA A 225 -11.70 19.28 16.24
N VAL A 226 -12.51 19.64 17.24
CA VAL A 226 -12.31 19.22 18.61
C VAL A 226 -12.36 17.70 18.69
N GLY A 227 -11.37 17.10 19.34
CA GLY A 227 -11.45 15.72 19.76
C GLY A 227 -11.89 15.69 21.20
N PRO A 228 -12.41 14.56 21.69
CA PRO A 228 -12.78 14.52 23.12
C PRO A 228 -11.58 14.58 24.03
N ASP A 229 -10.50 13.91 23.67
CA ASP A 229 -9.34 13.84 24.53
C ASP A 229 -8.39 14.98 24.21
N ASN A 230 -7.77 15.55 25.24
CA ASN A 230 -6.98 16.76 25.05
C ASN A 230 -5.99 17.07 26.15
N PHE A 231 -5.00 17.90 25.87
CA PHE A 231 -4.35 18.73 26.87
C PHE A 231 -4.50 20.20 26.52
N SER A 232 -5.24 20.91 27.37
CA SER A 232 -5.52 22.31 27.08
C SER A 232 -5.74 23.07 28.36
N GLU A 233 -4.70 23.77 28.80
CA GLU A 233 -4.77 24.85 29.77
C GLU A 233 -3.72 25.86 29.33
N SER A 234 -3.24 26.69 30.24
CA SER A 234 -2.40 27.83 29.87
C SER A 234 -1.06 27.42 29.28
N PHE A 235 -0.36 28.38 28.70
CA PHE A 235 0.84 28.08 27.95
C PHE A 235 2.09 28.08 28.82
N ILE A 236 2.13 28.95 29.81
CA ILE A 236 3.38 29.39 30.42
C ILE A 236 4.01 28.27 31.25
N LYS A 237 3.22 27.26 31.57
CA LYS A 237 3.79 26.08 32.19
C LYS A 237 4.54 25.25 31.17
N GLY A 238 4.19 25.37 29.90
CA GLY A 238 4.73 24.50 28.89
C GLY A 238 4.13 23.11 28.98
N VAL A 239 4.65 22.22 28.13
CA VAL A 239 4.19 20.84 28.12
C VAL A 239 5.24 19.93 27.55
N LEU A 256 7.86 5.56 0.71
CA LEU A 256 8.42 4.82 -0.41
C LEU A 256 9.14 5.75 -1.36
N GLU A 257 9.61 5.20 -2.47
CA GLU A 257 10.42 5.98 -3.37
C GLU A 257 9.55 6.87 -4.25
N GLY A 258 9.86 8.16 -4.30
CA GLY A 258 9.18 9.04 -5.24
C GLY A 258 8.30 10.09 -4.61
N ILE A 259 8.01 9.97 -3.32
CA ILE A 259 7.02 10.81 -2.64
C ILE A 259 7.59 12.19 -2.45
N GLN A 260 6.90 13.19 -2.99
CA GLN A 260 7.16 14.56 -2.62
C GLN A 260 6.06 15.17 -1.80
N THR A 261 4.86 15.30 -2.34
CA THR A 261 3.78 15.98 -1.63
C THR A 261 2.59 15.04 -1.61
N LEU A 262 1.66 15.32 -0.74
CA LEU A 262 0.47 14.49 -0.69
C LEU A 262 -0.76 15.38 -0.88
N PRO A 263 -1.31 15.46 -2.09
CA PRO A 263 -1.04 14.73 -3.34
C PRO A 263 0.19 15.22 -4.07
N PRO A 264 0.76 14.40 -4.94
CA PRO A 264 1.81 14.89 -5.83
C PRO A 264 1.24 15.77 -6.93
N ALA A 265 2.11 16.06 -7.89
CA ALA A 265 1.77 16.96 -8.99
C ALA A 265 0.69 16.35 -9.89
N ASN A 266 0.02 17.24 -10.63
CA ASN A 266 -0.95 16.96 -11.69
C ASN A 266 -2.23 16.29 -11.20
N VAL A 267 -2.41 16.13 -9.91
CA VAL A 267 -3.59 15.50 -9.32
C VAL A 267 -4.18 16.48 -8.31
N SER A 268 -5.50 16.65 -8.35
CA SER A 268 -6.13 17.65 -7.50
C SER A 268 -6.25 17.12 -6.08
N LEU A 269 -6.12 18.03 -5.13
CA LEU A 269 -6.45 17.74 -3.74
C LEU A 269 -7.91 17.35 -3.60
N GLY A 270 -8.76 17.95 -4.43
CA GLY A 270 -10.18 17.66 -4.36
C GLY A 270 -10.52 16.27 -4.83
N SER A 271 -9.68 15.69 -5.69
CA SER A 271 -9.87 14.29 -6.04
C SER A 271 -9.62 13.37 -4.86
N THR A 272 -8.73 13.78 -3.94
CA THR A 272 -8.38 12.90 -2.83
C THR A 272 -9.45 12.92 -1.76
N GLY A 273 -9.92 14.11 -1.40
CA GLY A 273 -10.75 14.25 -0.23
C GLY A 273 -9.99 14.32 1.07
N GLN A 274 -8.69 14.17 1.04
CA GLN A 274 -7.96 14.60 2.21
C GLN A 274 -7.96 16.12 2.25
N PRO A 275 -8.08 16.72 3.44
CA PRO A 275 -8.39 18.15 3.51
C PRO A 275 -7.28 19.09 3.10
N PHE A 276 -6.02 18.67 3.11
CA PHE A 276 -4.96 19.59 2.72
C PHE A 276 -3.77 18.85 2.14
N THR A 277 -2.95 19.63 1.44
CA THR A 277 -1.70 19.18 0.87
C THR A 277 -0.57 19.61 1.79
N MET A 278 0.50 18.82 1.83
CA MET A 278 1.72 19.21 2.51
C MET A 278 2.88 19.05 1.54
N ASP A 279 3.62 20.13 1.32
CA ASP A 279 4.56 20.24 0.22
C ASP A 279 5.99 20.08 0.67
N SER A 280 6.69 19.08 0.12
CA SER A 280 8.12 18.95 0.41
C SER A 280 8.92 20.07 -0.24
N GLY A 281 8.58 20.39 -1.47
CA GLY A 281 9.39 21.32 -2.24
C GLY A 281 10.70 20.69 -2.66
N ALA A 282 11.77 21.43 -2.40
CA ALA A 282 13.10 21.12 -2.90
C ALA A 282 13.66 19.87 -2.25
N GLU A 283 13.71 18.79 -3.03
CA GLU A 283 14.26 17.55 -2.52
C GLU A 283 15.77 17.61 -2.44
N ALA A 284 16.38 18.54 -3.19
CA ALA A 284 17.79 18.85 -3.02
C ALA A 284 18.05 19.40 -1.62
N THR A 285 17.04 20.06 -1.04
CA THR A 285 17.04 20.32 0.40
C THR A 285 16.43 19.16 1.17
N SER A 286 15.36 18.57 0.66
CA SER A 286 14.70 17.49 1.39
C SER A 286 15.38 16.15 1.13
N ASP A 295 1.91 7.64 17.50
CA ASP A 295 0.81 8.29 16.80
C ASP A 295 1.23 9.63 16.23
N THR A 296 0.67 9.99 15.08
CA THR A 296 0.89 11.30 14.52
C THR A 296 0.24 12.35 15.41
N ILE A 297 1.08 13.16 16.05
CA ILE A 297 0.65 14.08 17.10
C ILE A 297 0.88 15.51 16.63
N VAL A 298 -0.19 16.30 16.67
CA VAL A 298 -0.20 17.68 16.22
C VAL A 298 -0.49 18.55 17.44
N ILE A 299 0.09 19.73 17.48
CA ILE A 299 -0.15 20.67 18.56
C ILE A 299 -1.18 21.68 18.09
N ARG A 300 -1.70 22.45 19.04
CA ARG A 300 -2.37 23.70 18.73
C ARG A 300 -1.91 24.70 19.79
N VAL A 301 -0.94 25.52 19.43
CA VAL A 301 -0.47 26.60 20.28
C VAL A 301 -0.98 27.91 19.70
N SER A 302 -1.88 28.55 20.44
CA SER A 302 -2.62 29.70 19.97
C SER A 302 -1.99 30.96 20.52
N ALA A 303 -1.47 31.79 19.62
CA ALA A 303 -0.92 33.06 19.98
C ALA A 303 -1.94 34.14 19.73
N PRO A 304 -2.58 34.67 20.77
CA PRO A 304 -3.56 35.73 20.56
C PRO A 304 -2.88 37.05 20.21
N GLU A 305 -3.71 38.07 20.08
CA GLU A 305 -3.23 39.36 19.62
C GLU A 305 -2.39 40.01 20.71
N GLY A 306 -1.20 40.44 20.34
CA GLY A 306 -0.29 41.00 21.32
C GLY A 306 0.24 40.01 22.33
N ALA A 307 0.79 38.89 21.87
CA ALA A 307 1.33 37.87 22.77
C ALA A 307 2.73 37.49 22.32
N VAL A 308 3.61 37.31 23.30
CA VAL A 308 4.97 36.84 23.03
C VAL A 308 4.96 35.35 23.27
N ASN A 309 4.91 34.58 22.19
CA ASN A 309 4.66 33.14 22.26
C ASN A 309 5.92 32.44 21.78
N SER A 310 6.73 31.94 22.70
CA SER A 310 8.07 31.50 22.38
C SER A 310 8.42 30.21 23.11
N ALA A 311 9.23 29.36 22.48
CA ALA A 311 9.48 28.02 23.03
C ALA A 311 10.77 27.35 22.55
N ILE A 312 10.93 26.06 22.85
CA ILE A 312 12.22 25.37 22.72
C ILE A 312 12.11 24.18 21.78
N LEU A 313 11.26 24.29 20.76
CA LEU A 313 10.85 23.15 19.93
C LEU A 313 12.00 22.48 19.19
N LYS A 314 11.71 21.31 18.64
CA LYS A 314 12.72 20.29 18.37
C LYS A 314 12.89 19.99 16.90
N PRO A 323 19.77 -2.49 6.90
CA PRO A 323 20.32 -1.56 5.92
C PRO A 323 21.04 -2.24 4.77
N ASN A 324 21.32 -1.52 3.69
CA ASN A 324 22.03 -2.16 2.59
C ASN A 324 23.49 -2.23 2.97
N PRO A 325 24.22 -3.26 2.57
CA PRO A 325 25.63 -3.39 2.96
C PRO A 325 26.57 -2.38 2.36
N ASN A 326 26.09 -1.65 1.35
CA ASN A 326 26.88 -0.76 0.53
C ASN A 326 27.56 0.36 1.30
N ALA A 327 26.88 1.02 2.21
CA ALA A 327 27.47 2.17 2.88
C ALA A 327 28.10 1.76 4.19
N MET A 328 28.59 2.75 4.93
CA MET A 328 29.51 2.46 6.02
C MET A 328 28.76 2.06 7.28
N LEU A 329 27.44 2.06 7.22
CA LEU A 329 26.67 1.98 8.44
C LEU A 329 26.56 0.56 8.98
N TYR A 330 27.04 -0.46 8.26
CA TYR A 330 27.12 -1.76 8.90
C TYR A 330 28.23 -1.75 9.92
N GLN A 331 29.27 -0.97 9.64
CA GLN A 331 30.46 -0.88 10.48
C GLN A 331 30.18 0.09 11.63
N PHE A 332 28.96 0.61 11.60
CA PHE A 332 28.34 1.41 12.63
C PHE A 332 27.19 0.62 13.22
N GLY A 333 26.74 -0.40 12.50
CA GLY A 333 25.53 -1.09 12.91
C GLY A 333 25.79 -2.06 14.03
N HIS A 334 24.99 -1.92 15.08
CA HIS A 334 24.89 -2.92 16.13
C HIS A 334 23.60 -3.71 15.90
N ASP A 335 23.59 -4.95 16.35
CA ASP A 335 22.52 -5.85 15.97
C ASP A 335 21.30 -5.67 16.86
N SER A 336 20.20 -6.31 16.48
CA SER A 336 19.07 -6.46 17.39
C SER A 336 19.48 -7.27 18.61
N PRO A 337 18.98 -6.91 19.80
CA PRO A 337 19.19 -7.78 20.95
C PRO A 337 18.23 -8.96 20.90
N LYS B 91 -8.33 4.11 22.15
CA LYS B 91 -9.75 3.98 22.43
C LYS B 91 -10.58 3.67 21.18
N VAL B 92 -11.03 2.42 21.11
CA VAL B 92 -11.67 1.89 19.91
C VAL B 92 -13.16 2.16 20.00
N VAL B 93 -13.86 2.00 18.88
CA VAL B 93 -15.30 2.16 18.83
C VAL B 93 -15.90 0.79 18.59
N SER B 94 -17.00 0.52 19.25
CA SER B 94 -17.63 -0.79 19.17
C SER B 94 -18.64 -0.84 18.04
N VAL B 98 -24.89 -6.97 10.82
CA VAL B 98 -26.22 -7.05 11.39
C VAL B 98 -27.25 -6.81 10.30
N LEU B 99 -28.07 -7.83 10.04
CA LEU B 99 -29.14 -7.70 9.07
C LEU B 99 -30.22 -8.75 9.33
N ASN B 100 -31.45 -8.26 9.50
CA ASN B 100 -32.67 -9.03 9.38
C ASN B 100 -33.35 -8.64 8.09
N GLN B 101 -33.38 -9.55 7.11
CA GLN B 101 -33.97 -9.21 5.81
C GLN B 101 -34.48 -10.49 5.15
N SER B 102 -35.77 -10.48 4.78
CA SER B 102 -36.45 -11.63 4.21
C SER B 102 -36.52 -11.50 2.69
N ILE B 103 -36.02 -12.51 1.98
CA ILE B 103 -35.79 -12.44 0.55
C ILE B 103 -36.06 -13.79 -0.09
N SER B 104 -36.69 -13.79 -1.26
CA SER B 104 -36.92 -14.99 -2.06
C SER B 104 -36.01 -14.94 -3.28
N PHE B 105 -35.60 -16.11 -3.75
CA PHE B 105 -34.60 -16.18 -4.81
C PHE B 105 -35.24 -16.47 -6.15
N THR B 106 -34.56 -16.07 -7.22
CA THR B 106 -35.17 -15.98 -8.53
C THR B 106 -35.37 -17.35 -9.15
N ALA B 107 -36.61 -17.64 -9.51
CA ALA B 107 -36.98 -18.96 -9.98
C ALA B 107 -36.34 -19.26 -11.33
N GLY B 108 -35.75 -20.45 -11.42
CA GLY B 108 -34.96 -20.81 -12.59
C GLY B 108 -33.57 -20.21 -12.59
N GLN B 109 -33.26 -19.39 -11.59
CA GLN B 109 -32.00 -18.70 -11.60
C GLN B 109 -31.27 -19.07 -10.33
N ASP B 110 -30.27 -19.92 -10.50
CA ASP B 110 -29.46 -20.44 -9.40
C ASP B 110 -28.66 -19.29 -8.82
N THR B 111 -28.71 -19.16 -7.50
CA THR B 111 -28.32 -17.92 -6.86
C THR B 111 -27.18 -18.14 -5.87
N PHE B 112 -26.12 -17.36 -6.04
CA PHE B 112 -25.05 -17.29 -5.05
C PHE B 112 -25.54 -16.56 -3.82
N VAL B 121 -22.56 -4.67 1.51
CA VAL B 121 -22.06 -4.66 2.88
C VAL B 121 -22.40 -5.94 3.58
N ALA B 122 -23.69 -6.26 3.57
CA ALA B 122 -24.15 -7.48 4.21
C ALA B 122 -23.86 -8.67 3.33
N TYR B 123 -24.17 -8.56 2.04
CA TYR B 123 -23.82 -9.60 1.07
C TYR B 123 -23.72 -9.01 -0.32
N TRP B 124 -22.86 -9.65 -1.10
CA TRP B 124 -22.60 -9.26 -2.47
C TRP B 124 -22.30 -10.52 -3.28
N SER B 125 -23.34 -11.10 -3.87
CA SER B 125 -23.26 -12.31 -4.68
C SER B 125 -24.47 -12.40 -5.61
N ALA B 126 -24.22 -12.88 -6.82
CA ALA B 126 -25.19 -12.80 -7.91
C ALA B 126 -26.08 -14.03 -7.97
N SER B 127 -26.85 -14.12 -9.06
CA SER B 127 -27.53 -15.33 -9.48
C SER B 127 -27.22 -15.63 -10.94
N VAL B 128 -26.91 -16.89 -11.20
CA VAL B 128 -26.62 -17.35 -12.56
C VAL B 128 -27.86 -18.07 -13.05
N PRO B 129 -27.90 -18.43 -14.33
CA PRO B 129 -28.89 -19.43 -14.77
C PRO B 129 -28.66 -20.77 -14.10
N ALA B 130 -29.73 -21.56 -14.02
CA ALA B 130 -29.76 -22.76 -13.19
C ALA B 130 -28.78 -23.80 -13.69
N GLY B 131 -27.83 -24.15 -12.83
CA GLY B 131 -26.78 -25.07 -13.18
C GLY B 131 -25.56 -24.44 -13.81
N THR B 132 -25.61 -23.14 -14.10
CA THR B 132 -24.54 -22.50 -14.84
C THR B 132 -23.62 -21.80 -13.86
N PHE B 133 -22.66 -21.07 -14.42
CA PHE B 133 -21.55 -20.44 -13.75
C PHE B 133 -21.39 -19.00 -14.19
N PRO B 134 -20.81 -18.13 -13.35
CA PRO B 134 -20.60 -16.74 -13.74
C PRO B 134 -19.52 -16.61 -14.81
N THR B 135 -19.53 -15.47 -15.49
CA THR B 135 -18.50 -15.10 -16.44
C THR B 135 -18.28 -13.60 -16.35
N SER B 136 -17.61 -13.04 -17.35
CA SER B 136 -17.25 -11.63 -17.38
C SER B 136 -18.46 -10.70 -17.45
N ALA B 137 -19.60 -11.22 -17.90
CA ALA B 137 -20.76 -10.36 -18.13
C ALA B 137 -21.42 -9.92 -16.83
N THR B 138 -21.13 -10.59 -15.73
CA THR B 138 -21.97 -10.44 -14.56
C THR B 138 -21.26 -9.68 -13.45
N THR B 139 -21.99 -8.78 -12.80
CA THR B 139 -21.57 -8.13 -11.58
C THR B 139 -22.69 -8.31 -10.57
N PHE B 140 -22.49 -7.89 -9.34
CA PHE B 140 -23.65 -7.89 -8.46
C PHE B 140 -23.78 -6.57 -7.74
N ASN B 141 -25.00 -6.09 -7.58
CA ASN B 141 -25.32 -4.93 -6.79
C ASN B 141 -25.54 -5.36 -5.36
N PRO B 142 -24.58 -5.09 -4.48
CA PRO B 142 -24.67 -5.53 -3.09
C PRO B 142 -25.74 -4.82 -2.30
N VAL B 143 -25.80 -5.16 -1.02
CA VAL B 143 -26.75 -4.58 -0.08
C VAL B 143 -25.95 -3.94 1.04
N ASN B 144 -26.66 -3.42 2.05
CA ASN B 144 -26.05 -2.52 3.01
C ASN B 144 -26.38 -2.91 4.44
N TYR B 145 -25.77 -2.21 5.38
CA TYR B 145 -26.29 -2.22 6.73
C TYR B 145 -27.24 -1.05 6.93
N PRO B 146 -28.19 -1.17 7.85
CA PRO B 146 -29.14 -0.07 8.05
C PRO B 146 -28.45 1.16 8.62
N GLY B 147 -28.71 2.30 7.97
CA GLY B 147 -28.38 3.61 8.50
C GLY B 147 -26.91 3.92 8.63
N PHE B 148 -26.04 3.11 8.04
CA PHE B 148 -24.61 3.26 8.27
C PHE B 148 -24.07 4.48 7.54
N THR B 149 -24.80 4.90 6.50
CA THR B 149 -24.34 5.99 5.65
C THR B 149 -24.29 7.29 6.43
N SER B 150 -25.23 7.46 7.35
CA SER B 150 -25.21 8.51 8.34
C SER B 150 -24.00 8.42 9.25
N MET B 151 -23.44 7.22 9.42
CA MET B 151 -22.25 7.06 10.24
C MET B 151 -20.99 7.11 9.39
N PHE B 152 -21.11 6.83 8.09
CA PHE B 152 -19.94 6.61 7.26
C PHE B 152 -19.50 7.82 6.46
N GLY B 153 -20.36 8.33 5.57
CA GLY B 153 -19.95 9.16 4.46
C GLY B 153 -20.80 8.85 3.23
N THR B 154 -20.64 9.68 2.19
CA THR B 154 -21.59 9.62 1.08
C THR B 154 -20.97 9.78 -0.31
N THR B 155 -19.79 10.38 -0.43
CA THR B 155 -19.42 11.09 -1.64
C THR B 155 -18.61 10.20 -2.55
N SER B 156 -17.94 10.85 -3.52
CA SER B 156 -16.87 10.19 -4.27
C SER B 156 -15.51 10.54 -3.72
N THR B 157 -15.47 11.15 -2.53
CA THR B 157 -14.21 11.34 -1.81
C THR B 157 -14.31 10.78 -0.39
N SER B 158 -15.53 10.43 0.04
CA SER B 158 -15.76 10.03 1.42
C SER B 158 -15.69 8.53 1.66
N ARG B 159 -14.50 8.00 1.91
CA ARG B 159 -14.43 6.81 2.75
C ARG B 159 -14.10 7.12 4.19
N SER B 160 -13.27 8.11 4.47
CA SER B 160 -12.43 8.03 5.63
C SER B 160 -12.60 9.27 6.47
N ASP B 161 -13.85 9.61 6.77
CA ASP B 161 -14.17 10.87 7.41
C ASP B 161 -14.67 10.68 8.83
N GLN B 162 -14.98 9.46 9.21
CA GLN B 162 -15.50 9.23 10.55
C GLN B 162 -14.74 8.10 11.23
N VAL B 163 -14.24 7.13 10.47
CA VAL B 163 -13.52 5.98 11.00
C VAL B 163 -12.26 5.78 10.17
N SER B 164 -11.10 5.78 10.82
CA SER B 164 -9.85 5.68 10.08
C SER B 164 -9.59 4.26 9.60
N SER B 165 -9.36 3.34 10.52
CA SER B 165 -8.98 1.99 10.14
C SER B 165 -9.62 0.96 11.07
N PHE B 166 -9.13 -0.27 11.01
CA PHE B 166 -10.01 -1.39 11.27
C PHE B 166 -9.23 -2.67 11.47
N ARG B 167 -9.94 -3.67 12.01
CA ARG B 167 -9.64 -5.09 11.84
C ARG B 167 -10.93 -5.83 12.17
N TYR B 168 -11.08 -7.05 11.65
CA TYR B 168 -12.39 -7.67 11.51
C TYR B 168 -12.49 -8.89 12.42
N ALA B 169 -13.35 -8.81 13.43
CA ALA B 169 -13.35 -9.84 14.46
C ALA B 169 -14.05 -11.10 14.00
N SER B 170 -15.29 -10.96 13.51
CA SER B 170 -16.20 -12.05 13.14
C SER B 170 -16.36 -13.07 14.26
N PRO B 177 -35.72 -19.14 5.54
CA PRO B 177 -36.89 -19.96 5.20
C PRO B 177 -38.22 -19.26 5.49
N THR B 178 -38.87 -18.69 4.46
CA THR B 178 -40.14 -17.99 4.61
C THR B 178 -41.30 -18.78 4.02
N SER B 179 -41.01 -19.74 3.15
CA SER B 179 -42.00 -20.48 2.39
C SER B 179 -42.69 -21.53 3.24
N ASN B 180 -43.33 -22.45 2.55
CA ASN B 180 -43.99 -23.58 3.16
C ASN B 180 -43.53 -24.84 2.48
N LEU B 181 -44.12 -25.97 2.89
CA LEU B 181 -43.63 -27.25 2.42
C LEU B 181 -44.34 -27.69 1.14
N MET B 182 -44.96 -26.78 0.44
CA MET B 182 -45.67 -27.19 -0.78
C MET B 182 -45.13 -26.55 -2.03
N GLN B 183 -44.29 -25.54 -1.95
CA GLN B 183 -43.93 -24.78 -3.13
C GLN B 183 -42.42 -24.69 -3.27
N PHE B 184 -41.68 -25.16 -2.27
CA PHE B 184 -40.22 -25.05 -2.23
C PHE B 184 -39.59 -25.96 -3.27
N ALA B 185 -38.40 -25.58 -3.73
CA ALA B 185 -37.58 -26.38 -4.62
C ALA B 185 -36.18 -25.80 -4.63
N GLY B 186 -35.18 -26.66 -4.78
CA GLY B 186 -33.81 -26.19 -4.88
C GLY B 186 -32.98 -26.64 -3.69
N SER B 187 -31.71 -26.20 -3.70
CA SER B 187 -30.72 -26.72 -2.77
C SER B 187 -29.68 -25.69 -2.37
N ILE B 188 -29.38 -25.65 -1.07
CA ILE B 188 -28.12 -25.09 -0.58
C ILE B 188 -27.11 -26.23 -0.52
N SER B 198 -6.17 -7.24 -3.81
CA SER B 198 -4.79 -6.89 -4.07
C SER B 198 -4.65 -5.91 -5.23
N THR B 199 -3.88 -6.28 -6.25
CA THR B 199 -3.50 -5.38 -7.33
C THR B 199 -2.95 -6.21 -8.49
N VAL B 200 -3.35 -5.84 -9.71
CA VAL B 200 -2.75 -6.35 -10.94
C VAL B 200 -2.10 -5.16 -11.63
N GLN B 201 -1.11 -5.42 -12.50
CA GLN B 201 -0.46 -4.34 -13.24
C GLN B 201 -0.54 -4.62 -14.74
N PHE B 202 -0.39 -3.58 -15.55
CA PHE B 202 -0.86 -3.58 -16.93
C PHE B 202 -0.09 -2.56 -17.76
N PRO B 203 0.07 -2.78 -19.07
CA PRO B 203 0.64 -1.76 -19.95
C PRO B 203 -0.47 -0.87 -20.52
N VAL B 204 -0.10 0.32 -20.97
CA VAL B 204 -1.06 1.16 -21.68
C VAL B 204 -0.63 1.32 -23.12
N SER B 212 0.06 3.69 -14.00
CA SER B 212 -0.46 2.41 -14.43
C SER B 212 -0.46 1.37 -13.34
N LEU B 213 -1.45 1.43 -12.46
CA LEU B 213 -1.61 0.45 -11.41
C LEU B 213 -3.06 0.41 -10.99
N VAL B 214 -3.62 -0.80 -10.90
CA VAL B 214 -5.03 -0.96 -10.55
C VAL B 214 -5.15 -2.09 -9.53
N HIS B 215 -6.07 -1.91 -8.60
CA HIS B 215 -6.28 -2.94 -7.61
C HIS B 215 -7.16 -4.06 -8.17
N THR B 216 -6.87 -5.27 -7.74
CA THR B 216 -7.56 -6.46 -8.24
C THR B 216 -7.34 -7.61 -7.25
N LEU B 217 -8.45 -8.21 -6.83
CA LEU B 217 -8.40 -9.39 -5.98
C LEU B 217 -7.84 -10.57 -6.75
N VAL B 218 -6.97 -11.33 -6.10
CA VAL B 218 -6.06 -12.25 -6.77
C VAL B 218 -6.20 -13.63 -6.14
N GLY B 219 -6.49 -14.63 -6.96
CA GLY B 219 -6.73 -15.97 -6.49
C GLY B 219 -8.17 -16.26 -6.18
N LEU B 220 -9.06 -15.30 -6.44
CA LEU B 220 -10.43 -15.39 -5.95
C LEU B 220 -11.25 -16.45 -6.66
N ASP B 221 -10.79 -16.89 -7.83
CA ASP B 221 -11.59 -17.63 -8.83
C ASP B 221 -12.31 -18.86 -8.29
N GLY B 222 -11.75 -19.47 -7.23
CA GLY B 222 -12.18 -20.79 -6.79
C GLY B 222 -13.60 -20.84 -6.25
N VAL B 223 -14.28 -19.71 -6.18
CA VAL B 223 -15.72 -19.70 -6.06
C VAL B 223 -16.38 -20.32 -7.27
N LEU B 224 -15.77 -20.22 -8.46
CA LEU B 224 -16.49 -20.51 -9.70
C LEU B 224 -16.77 -22.00 -9.87
N GLU B 233 -28.05 -30.22 0.94
CA GLU B 233 -28.93 -31.27 0.44
C GLU B 233 -30.08 -30.69 -0.40
N SER B 234 -30.94 -29.87 0.20
CA SER B 234 -32.00 -29.19 -0.50
C SER B 234 -32.50 -28.07 0.40
N PHE B 235 -33.04 -27.02 -0.24
CA PHE B 235 -33.29 -25.69 0.30
C PHE B 235 -33.90 -25.60 1.70
N ILE B 236 -34.58 -26.65 2.14
CA ILE B 236 -35.29 -26.68 3.41
C ILE B 236 -34.40 -26.53 4.64
N LYS B 237 -33.30 -27.29 4.73
CA LYS B 237 -32.55 -27.38 5.97
C LYS B 237 -31.84 -26.10 6.38
N GLY B 238 -31.74 -25.11 5.50
CA GLY B 238 -31.20 -23.82 5.88
C GLY B 238 -29.69 -23.79 5.96
N VAL B 239 -29.13 -22.72 6.52
CA VAL B 239 -27.69 -22.54 6.57
C VAL B 239 -27.27 -21.72 7.79
N PHE B 240 -26.22 -22.18 8.46
CA PHE B 240 -25.68 -21.52 9.64
C PHE B 240 -24.16 -21.48 9.49
N SER B 241 -23.60 -20.28 9.53
CA SER B 241 -22.20 -20.05 9.21
C SER B 241 -21.81 -18.67 9.73
N GLN B 242 -20.53 -18.37 9.64
CA GLN B 242 -20.02 -17.18 10.30
C GLN B 242 -19.34 -16.23 9.32
N GLU B 257 -11.16 8.05 -2.07
CA GLU B 257 -11.79 6.92 -2.73
C GLU B 257 -11.96 7.13 -4.24
N GLY B 258 -11.80 6.05 -4.96
CA GLY B 258 -12.13 6.02 -6.38
C GLY B 258 -12.65 4.64 -6.63
N ILE B 259 -12.93 3.97 -5.52
CA ILE B 259 -13.06 2.53 -5.46
C ILE B 259 -14.54 2.21 -5.55
N GLN B 260 -15.03 2.00 -6.76
CA GLN B 260 -16.41 1.62 -6.99
C GLN B 260 -16.57 0.43 -7.90
N THR B 261 -15.54 0.06 -8.63
CA THR B 261 -15.59 -1.04 -9.58
C THR B 261 -14.29 -1.80 -9.54
N LEU B 262 -14.40 -3.13 -9.55
CA LEU B 262 -13.24 -4.02 -9.60
C LEU B 262 -13.54 -5.00 -10.72
N PRO B 263 -12.89 -4.87 -11.89
CA PRO B 263 -11.91 -3.89 -12.38
C PRO B 263 -12.50 -2.51 -12.50
N PRO B 264 -11.68 -1.47 -12.34
CA PRO B 264 -12.22 -0.11 -12.26
C PRO B 264 -12.74 0.42 -13.59
N ALA B 265 -13.23 1.66 -13.52
CA ALA B 265 -13.68 2.35 -14.72
C ALA B 265 -12.51 2.56 -15.67
N ASN B 266 -12.84 2.60 -16.97
CA ASN B 266 -11.96 2.60 -18.14
C ASN B 266 -10.89 1.51 -18.10
N VAL B 267 -11.19 0.39 -17.46
CA VAL B 267 -10.24 -0.69 -17.24
C VAL B 267 -10.93 -2.01 -17.55
N SER B 268 -10.22 -2.89 -18.25
CA SER B 268 -10.75 -4.16 -18.73
C SER B 268 -10.68 -5.24 -17.66
N LEU B 269 -11.46 -6.29 -17.85
CA LEU B 269 -11.42 -7.45 -16.96
C LEU B 269 -10.29 -8.40 -17.33
N GLY B 270 -9.87 -8.38 -18.60
CA GLY B 270 -9.02 -9.44 -19.11
C GLY B 270 -7.60 -9.38 -18.58
N SER B 271 -7.17 -8.20 -18.15
CA SER B 271 -5.86 -8.10 -17.53
C SER B 271 -5.90 -8.60 -16.10
N THR B 272 -7.09 -8.66 -15.52
CA THR B 272 -7.23 -8.73 -14.07
C THR B 272 -7.40 -10.15 -13.56
N GLY B 273 -7.93 -11.04 -14.39
CA GLY B 273 -8.13 -12.40 -13.95
C GLY B 273 -9.30 -12.59 -13.01
N GLN B 274 -10.03 -11.53 -12.69
CA GLN B 274 -11.27 -11.70 -11.95
C GLN B 274 -12.34 -12.27 -12.88
N PRO B 275 -13.09 -13.22 -12.42
CA PRO B 275 -14.24 -13.67 -13.22
C PRO B 275 -15.41 -12.72 -13.08
N PHE B 276 -15.45 -11.97 -11.99
CA PHE B 276 -16.66 -11.30 -11.58
C PHE B 276 -16.31 -9.83 -11.34
N THR B 277 -17.29 -8.95 -11.57
CA THR B 277 -17.06 -7.51 -11.52
C THR B 277 -17.70 -6.94 -10.26
N MET B 278 -16.98 -6.07 -9.57
CA MET B 278 -17.62 -5.29 -8.52
C MET B 278 -18.34 -4.11 -9.16
N ASP B 279 -19.52 -3.76 -8.66
CA ASP B 279 -20.17 -2.56 -9.17
C ASP B 279 -20.43 -1.58 -8.03
N SER B 280 -20.65 -2.15 -6.85
CA SER B 280 -20.94 -1.49 -5.58
C SER B 280 -22.18 -0.61 -5.60
N GLY B 281 -23.04 -0.77 -6.60
CA GLY B 281 -24.14 0.16 -6.73
C GLY B 281 -23.62 1.55 -7.08
N ALA B 282 -24.42 2.56 -6.73
CA ALA B 282 -23.99 3.94 -6.88
C ALA B 282 -23.10 4.33 -5.72
N GLU B 283 -22.12 5.21 -6.00
CA GLU B 283 -21.28 5.66 -4.91
C GLU B 283 -22.01 6.66 -4.03
N ALA B 284 -23.10 7.25 -4.55
CA ALA B 284 -23.87 8.24 -3.82
C ALA B 284 -24.55 7.68 -2.58
N THR B 285 -24.63 6.37 -2.46
CA THR B 285 -25.19 5.75 -1.27
C THR B 285 -24.14 5.06 -0.42
N SER B 286 -23.15 4.43 -1.02
CA SER B 286 -22.24 3.57 -0.27
C SER B 286 -20.93 3.44 -1.04
N GLY B 287 -20.11 2.48 -0.64
CA GLY B 287 -18.83 2.27 -1.26
C GLY B 287 -18.11 1.10 -0.63
N VAL B 288 -16.89 0.84 -1.13
CA VAL B 288 -16.10 -0.31 -0.73
C VAL B 288 -14.69 0.15 -0.39
N VAL B 289 -14.17 -0.37 0.71
CA VAL B 289 -12.75 -0.52 0.97
C VAL B 289 -12.48 -1.86 1.62
N ARG B 300 -24.09 -22.22 -4.05
CA ARG B 300 -25.16 -21.51 -4.73
C ARG B 300 -26.51 -22.15 -4.43
N VAL B 301 -27.55 -21.34 -4.44
CA VAL B 301 -28.82 -21.78 -3.87
C VAL B 301 -29.77 -22.16 -5.01
N SER B 302 -29.70 -23.42 -5.43
CA SER B 302 -30.69 -24.13 -6.25
C SER B 302 -30.26 -25.57 -6.38
N ASN B 309 -40.10 -21.19 -1.85
CA ASN B 309 -38.77 -20.72 -2.25
C ASN B 309 -38.49 -19.32 -1.76
N SER B 310 -38.82 -19.06 -0.52
CA SER B 310 -38.60 -17.77 0.09
C SER B 310 -37.90 -17.95 1.43
N ALA B 311 -37.13 -16.96 1.80
CA ALA B 311 -36.13 -17.16 2.85
C ALA B 311 -35.77 -15.82 3.48
N ILE B 312 -34.66 -15.81 4.20
CA ILE B 312 -34.16 -14.63 4.90
C ILE B 312 -32.68 -14.35 4.56
N ILE B 319 -16.94 -5.28 16.05
CA ILE B 319 -15.82 -5.22 15.13
C ILE B 319 -15.12 -3.90 15.34
N GLU B 320 -14.23 -3.87 16.32
CA GLU B 320 -13.67 -2.64 16.87
C GLU B 320 -12.82 -1.93 15.83
N TYR B 321 -13.02 -0.62 15.73
CA TYR B 321 -12.47 0.15 14.63
C TYR B 321 -11.65 1.30 15.14
N ARG B 322 -10.61 1.63 14.39
CA ARG B 322 -9.83 2.81 14.63
C ARG B 322 -10.54 4.05 14.12
N PRO B 323 -10.97 4.94 14.99
CA PRO B 323 -11.92 5.98 14.63
C PRO B 323 -11.23 7.22 14.09
N ASN B 324 -12.03 8.26 13.93
CA ASN B 324 -11.52 9.63 13.85
C ASN B 324 -12.10 10.45 14.99
N PRO B 325 -11.30 11.26 15.65
CA PRO B 325 -11.73 11.90 16.90
C PRO B 325 -12.82 12.95 16.73
N ASN B 326 -12.86 13.60 15.56
CA ASN B 326 -13.89 14.58 15.28
C ASN B 326 -15.26 13.95 15.19
N ALA B 327 -15.28 12.67 14.86
CA ALA B 327 -16.51 11.97 14.62
C ALA B 327 -17.23 11.72 15.95
N MET B 328 -18.54 11.99 15.93
CA MET B 328 -19.37 11.96 17.14
C MET B 328 -19.60 10.55 17.68
N LEU B 329 -19.14 9.51 16.98
CA LEU B 329 -19.27 8.16 17.49
C LEU B 329 -18.27 7.91 18.61
N TYR B 330 -17.27 8.77 18.70
CA TYR B 330 -16.09 8.50 19.49
C TYR B 330 -16.30 8.94 20.93
N GLN B 331 -17.36 9.71 21.19
CA GLN B 331 -17.73 10.12 22.54
C GLN B 331 -18.41 8.99 23.30
N PHE B 332 -18.67 7.89 22.61
CA PHE B 332 -18.91 6.58 23.23
C PHE B 332 -18.03 5.47 22.64
N GLY B 333 -16.70 5.67 22.63
CA GLY B 333 -15.76 4.57 22.47
C GLY B 333 -15.10 4.19 23.80
N HIS B 334 -14.35 3.09 23.77
CA HIS B 334 -13.67 2.56 24.96
C HIS B 334 -12.36 1.91 24.49
N ASP B 335 -11.54 1.45 25.43
CA ASP B 335 -10.24 0.91 25.01
C ASP B 335 -10.30 -0.50 24.42
N SER C 94 3.82 -25.66 0.20
CA SER C 94 3.86 -27.11 0.29
C SER C 94 4.87 -27.65 -0.71
N ARG C 95 5.44 -26.74 -1.48
CA ARG C 95 6.37 -27.06 -2.55
C ARG C 95 7.77 -27.28 -1.97
N LYS C 96 8.59 -28.04 -2.67
CA LYS C 96 9.95 -28.36 -2.22
C LYS C 96 10.94 -28.25 -3.37
N ASP C 97 11.02 -27.06 -3.97
CA ASP C 97 11.89 -26.71 -5.09
C ASP C 97 13.28 -27.32 -4.95
N VAL C 98 13.62 -28.14 -5.95
CA VAL C 98 14.94 -28.70 -6.14
C VAL C 98 15.28 -28.51 -7.61
N LEU C 99 16.54 -28.28 -7.92
CA LEU C 99 16.96 -28.06 -9.29
C LEU C 99 18.42 -28.47 -9.44
N ASN C 100 18.64 -29.67 -9.95
CA ASN C 100 20.01 -30.12 -10.16
C ASN C 100 20.53 -29.35 -11.37
N GLN C 101 21.08 -28.19 -11.12
CA GLN C 101 21.50 -27.35 -12.21
C GLN C 101 22.95 -27.66 -12.52
N SER C 102 23.28 -27.61 -13.80
CA SER C 102 24.64 -27.82 -14.25
C SER C 102 25.17 -26.53 -14.85
N ILE C 103 26.45 -26.27 -14.60
CA ILE C 103 27.09 -25.13 -15.23
C ILE C 103 28.39 -25.48 -15.90
N SER C 104 28.62 -24.90 -17.06
CA SER C 104 29.94 -24.44 -17.41
C SER C 104 29.95 -22.95 -17.15
N PHE C 105 30.71 -22.55 -16.15
CA PHE C 105 30.79 -21.16 -15.73
C PHE C 105 31.53 -20.29 -16.73
N THR C 106 31.55 -19.00 -16.43
CA THR C 106 32.22 -18.05 -17.29
C THR C 106 33.68 -17.95 -16.91
N ALA C 107 34.52 -18.49 -17.77
CA ALA C 107 35.95 -18.21 -17.65
C ALA C 107 36.14 -16.75 -18.00
N GLY C 108 36.93 -16.03 -17.21
CA GLY C 108 37.11 -14.63 -17.49
C GLY C 108 36.05 -13.76 -16.85
N GLN C 109 34.81 -13.85 -17.33
CA GLN C 109 33.71 -13.04 -16.86
C GLN C 109 33.38 -13.42 -15.43
N ASP C 110 33.29 -12.42 -14.56
CA ASP C 110 32.95 -12.65 -13.17
C ASP C 110 31.46 -12.88 -13.02
N THR C 111 31.08 -14.10 -12.73
CA THR C 111 29.69 -14.47 -12.60
C THR C 111 29.22 -14.14 -11.19
N PHE C 112 28.23 -13.25 -11.10
CA PHE C 112 27.65 -12.83 -9.82
C PHE C 112 26.28 -13.47 -9.66
N ILE C 113 26.21 -14.48 -8.83
CA ILE C 113 25.04 -15.32 -8.72
C ILE C 113 24.19 -14.82 -7.57
N LEU C 114 22.90 -14.60 -7.86
CA LEU C 114 21.96 -14.10 -6.86
C LEU C 114 20.83 -15.10 -6.71
N ILE C 115 20.45 -15.31 -5.46
CA ILE C 115 19.40 -16.22 -4.96
C ILE C 115 19.36 -17.56 -5.66
N PRO C 119 8.83 -16.91 -7.03
CA PRO C 119 9.10 -17.98 -6.06
C PRO C 119 9.41 -19.28 -6.77
N GLY C 120 8.98 -19.40 -8.01
CA GLY C 120 9.41 -20.50 -8.83
C GLY C 120 10.83 -20.30 -9.29
N VAL C 121 11.22 -19.03 -9.40
CA VAL C 121 12.50 -18.60 -9.94
C VAL C 121 13.63 -19.18 -9.10
N ALA C 122 14.47 -19.98 -9.73
CA ALA C 122 15.48 -20.73 -8.98
C ALA C 122 16.69 -19.85 -8.66
N TYR C 123 17.42 -19.41 -9.69
CA TYR C 123 18.50 -18.48 -9.41
C TYR C 123 18.74 -17.51 -10.56
N TRP C 124 19.61 -16.56 -10.28
CA TRP C 124 19.77 -15.33 -11.03
C TRP C 124 21.25 -14.98 -11.04
N SER C 125 21.86 -14.90 -12.21
CA SER C 125 23.29 -14.63 -12.27
C SER C 125 23.64 -13.87 -13.54
N ALA C 126 23.61 -12.54 -13.45
CA ALA C 126 24.12 -11.74 -14.55
C ALA C 126 25.63 -11.90 -14.58
N SER C 127 26.15 -12.11 -15.78
CA SER C 127 27.58 -12.34 -15.95
C SER C 127 28.25 -11.01 -16.26
N VAL C 128 29.18 -10.63 -15.40
CA VAL C 128 29.79 -9.31 -15.42
C VAL C 128 31.24 -9.55 -15.82
N PRO C 129 31.92 -8.62 -16.50
CA PRO C 129 33.32 -8.87 -16.87
C PRO C 129 34.28 -8.91 -15.70
N ALA C 130 35.56 -9.05 -16.03
CA ALA C 130 36.60 -9.30 -15.03
C ALA C 130 36.80 -8.09 -14.13
N GLY C 131 36.71 -8.32 -12.82
CA GLY C 131 36.95 -7.30 -11.83
C GLY C 131 35.80 -6.36 -11.56
N THR C 132 34.97 -6.08 -12.54
CA THR C 132 33.97 -5.04 -12.38
C THR C 132 32.72 -5.54 -11.68
N PHE C 133 31.76 -4.63 -11.58
CA PHE C 133 30.51 -4.79 -10.85
C PHE C 133 29.39 -4.58 -11.84
N PRO C 134 28.17 -5.03 -11.53
CA PRO C 134 27.07 -4.79 -12.46
C PRO C 134 26.72 -3.32 -12.62
N THR C 135 26.90 -2.83 -13.84
CA THR C 135 26.53 -1.49 -14.24
C THR C 135 25.04 -1.47 -14.53
N SER C 136 24.54 -0.30 -14.94
CA SER C 136 23.16 -0.16 -15.38
C SER C 136 22.93 -0.97 -16.64
N ALA C 137 23.99 -1.15 -17.43
CA ALA C 137 23.91 -1.96 -18.62
C ALA C 137 23.83 -3.46 -18.33
N THR C 138 24.02 -3.88 -17.09
CA THR C 138 24.01 -5.30 -16.78
C THR C 138 22.60 -5.77 -16.44
N THR C 139 22.27 -7.00 -16.85
CA THR C 139 20.93 -7.57 -16.77
C THR C 139 21.05 -9.08 -16.72
N PHE C 140 20.16 -9.72 -15.97
CA PHE C 140 19.98 -11.15 -16.13
C PHE C 140 18.51 -11.48 -16.37
N ASN C 141 18.30 -12.57 -17.11
CA ASN C 141 17.05 -13.22 -17.34
C ASN C 141 17.11 -14.58 -16.66
N PRO C 142 16.16 -14.88 -15.79
CA PRO C 142 16.38 -15.85 -14.71
C PRO C 142 16.44 -17.29 -15.19
N VAL C 143 16.62 -18.19 -14.23
CA VAL C 143 16.23 -19.57 -14.40
C VAL C 143 15.12 -19.85 -13.40
N ASN C 144 14.40 -20.93 -13.62
CA ASN C 144 13.13 -21.19 -12.97
C ASN C 144 13.06 -22.67 -12.62
N TYR C 145 12.43 -22.96 -11.49
CA TYR C 145 12.06 -24.34 -11.24
C TYR C 145 10.92 -24.71 -12.20
N PRO C 146 11.15 -25.69 -13.06
CA PRO C 146 10.13 -26.07 -14.02
C PRO C 146 9.01 -26.85 -13.36
N GLY C 147 7.85 -26.87 -14.01
CA GLY C 147 6.69 -27.55 -13.48
C GLY C 147 6.10 -26.85 -12.26
N THR C 154 0.08 -20.24 -19.61
CA THR C 154 -0.69 -19.18 -18.97
C THR C 154 -0.42 -17.86 -19.64
N THR C 155 -1.10 -16.83 -19.15
CA THR C 155 -0.71 -15.49 -19.54
C THR C 155 -0.21 -14.79 -18.29
N SER C 156 0.36 -13.59 -18.48
CA SER C 156 0.70 -12.76 -17.32
C SER C 156 -0.50 -11.99 -16.82
N THR C 157 -1.70 -12.37 -17.23
CA THR C 157 -2.96 -11.90 -16.69
C THR C 157 -3.79 -13.05 -16.13
N SER C 158 -3.21 -14.23 -16.05
CA SER C 158 -3.96 -15.40 -15.65
C SER C 158 -3.43 -16.05 -14.39
N ARG C 159 -2.11 -16.09 -14.22
CA ARG C 159 -1.35 -16.95 -13.30
C ARG C 159 -1.82 -16.99 -11.84
N SER C 160 -2.68 -16.06 -11.46
CA SER C 160 -3.42 -16.08 -10.22
C SER C 160 -4.45 -17.19 -10.12
N ASP C 161 -4.51 -18.11 -11.09
CA ASP C 161 -5.57 -19.13 -11.10
C ASP C 161 -5.41 -20.11 -9.95
N GLN C 162 -4.19 -20.39 -9.54
CA GLN C 162 -4.01 -21.27 -8.39
C GLN C 162 -3.97 -20.51 -7.09
N VAL C 163 -3.04 -19.58 -6.94
CA VAL C 163 -2.82 -18.85 -5.70
C VAL C 163 -2.14 -17.52 -5.99
N SER C 170 12.99 -21.12 4.45
CA SER C 170 13.08 -21.56 3.07
C SER C 170 14.25 -20.90 2.36
N MET C 171 15.40 -21.57 2.37
CA MET C 171 16.67 -20.95 2.00
C MET C 171 17.62 -22.05 1.52
N ASN C 172 18.93 -21.89 1.75
CA ASN C 172 20.01 -22.89 1.66
C ASN C 172 20.17 -23.59 0.30
N VAL C 173 20.50 -22.78 -0.70
CA VAL C 173 21.04 -23.26 -1.97
C VAL C 173 22.49 -23.68 -1.72
N GLY C 174 22.99 -24.58 -2.55
CA GLY C 174 24.37 -25.03 -2.47
C GLY C 174 25.00 -25.08 -3.84
N ILE C 175 26.31 -24.90 -3.89
CA ILE C 175 27.05 -24.84 -5.14
C ILE C 175 28.21 -25.83 -5.08
N TYR C 176 28.27 -26.70 -6.08
CA TYR C 176 29.19 -27.83 -5.99
C TYR C 176 29.96 -27.99 -7.30
N PRO C 177 31.25 -28.37 -7.22
CA PRO C 177 32.13 -28.30 -8.39
C PRO C 177 31.76 -29.27 -9.51
N THR C 178 31.43 -28.69 -10.66
CA THR C 178 31.06 -29.44 -11.84
C THR C 178 32.28 -29.85 -12.65
N SER C 179 33.47 -29.58 -12.12
CA SER C 179 34.68 -29.45 -12.89
C SER C 179 35.85 -30.15 -12.20
N ASN C 180 36.97 -30.19 -12.91
CA ASN C 180 38.16 -30.88 -12.47
C ASN C 180 39.03 -29.98 -11.59
N LEU C 181 40.27 -30.40 -11.40
CA LEU C 181 41.10 -29.83 -10.36
C LEU C 181 42.28 -29.03 -10.88
N MET C 182 42.27 -28.65 -12.15
CA MET C 182 43.41 -27.86 -12.58
C MET C 182 43.05 -26.70 -13.49
N GLN C 183 41.88 -26.74 -14.14
CA GLN C 183 41.56 -25.65 -15.05
C GLN C 183 41.23 -24.37 -14.29
N PHE C 184 40.76 -24.48 -13.07
CA PHE C 184 40.54 -23.30 -12.27
C PHE C 184 41.89 -22.93 -11.71
N CYS C 193 22.07 -8.27 1.56
CA CYS C 193 21.14 -7.15 1.53
C CYS C 193 19.73 -7.67 1.76
N PRO C 194 18.95 -7.00 2.58
CA PRO C 194 17.64 -7.54 2.99
C PRO C 194 16.51 -7.27 2.02
N VAL C 195 16.82 -7.05 0.74
CA VAL C 195 16.06 -6.32 -0.29
C VAL C 195 14.54 -6.49 -0.26
N LYS C 196 13.82 -5.35 -0.28
CA LYS C 196 12.37 -5.34 -0.41
C LYS C 196 11.98 -4.69 -1.72
N LEU C 197 10.81 -5.08 -2.23
CA LEU C 197 10.29 -4.64 -3.52
C LEU C 197 9.51 -3.35 -3.36
N SER C 198 10.15 -2.21 -3.66
CA SER C 198 9.44 -0.95 -3.51
C SER C 198 8.64 -0.61 -4.75
N THR C 199 8.18 0.63 -4.82
CA THR C 199 7.50 1.18 -5.99
C THR C 199 7.99 2.61 -6.21
N VAL C 200 7.42 3.33 -7.18
CA VAL C 200 7.90 4.68 -7.44
C VAL C 200 6.77 5.63 -7.84
N GLN C 201 6.75 6.78 -7.16
CA GLN C 201 6.02 7.95 -7.61
C GLN C 201 6.90 8.71 -8.58
N PHE C 202 6.32 9.19 -9.67
CA PHE C 202 7.03 10.00 -10.65
C PHE C 202 6.02 10.90 -11.35
N PRO C 203 6.27 12.20 -11.38
CA PRO C 203 5.35 13.10 -12.09
C PRO C 203 5.48 12.97 -13.59
N VAL C 204 4.36 12.95 -14.30
CA VAL C 204 4.38 12.74 -15.74
C VAL C 204 4.10 14.05 -16.44
N ALA C 205 4.70 14.19 -17.63
CA ALA C 205 4.34 15.26 -18.56
C ALA C 205 3.44 14.72 -19.67
N THR C 206 2.25 14.24 -19.30
CA THR C 206 1.32 13.77 -20.31
C THR C 206 0.37 14.88 -20.70
N SER C 211 2.45 10.82 -12.53
CA SER C 211 1.21 10.70 -11.78
C SER C 211 0.96 9.27 -11.34
N SER C 212 1.69 8.34 -11.95
CA SER C 212 1.47 6.92 -11.71
C SER C 212 2.12 6.47 -10.42
N LEU C 213 2.02 5.16 -10.18
CA LEU C 213 2.76 4.50 -9.11
C LEU C 213 3.10 3.11 -9.62
N VAL C 214 4.36 2.90 -10.05
CA VAL C 214 4.77 1.65 -10.67
C VAL C 214 5.96 1.10 -9.92
N HIS C 215 6.33 -0.13 -10.27
CA HIS C 215 7.34 -0.86 -9.51
C HIS C 215 8.76 -0.44 -9.87
N THR C 216 9.61 -0.47 -8.87
CA THR C 216 11.05 -0.36 -9.00
C THR C 216 11.65 -1.16 -7.87
N LEU C 217 12.97 -1.21 -7.80
CA LEU C 217 13.62 -2.06 -6.81
C LEU C 217 14.88 -1.40 -6.26
N VAL C 218 14.93 -1.22 -4.95
CA VAL C 218 16.13 -0.72 -4.31
C VAL C 218 16.75 -1.83 -3.46
N GLY C 219 18.01 -1.66 -3.10
CA GLY C 219 18.77 -2.71 -2.47
C GLY C 219 19.78 -3.38 -3.37
N LEU C 220 19.73 -3.12 -4.67
CA LEU C 220 20.68 -3.69 -5.62
C LEU C 220 22.05 -3.06 -5.46
N ASP C 221 22.07 -1.88 -4.87
CA ASP C 221 23.31 -1.21 -4.53
C ASP C 221 24.08 -1.98 -3.47
N GLY C 222 23.35 -2.75 -2.66
CA GLY C 222 23.96 -3.69 -1.75
C GLY C 222 24.30 -5.02 -2.39
N VAL C 223 24.53 -5.03 -3.71
CA VAL C 223 24.96 -6.24 -4.39
C VAL C 223 26.31 -5.98 -5.04
N LEU C 224 26.51 -4.81 -5.65
CA LEU C 224 27.77 -4.58 -6.35
C LEU C 224 28.92 -4.39 -5.39
N ALA C 225 28.67 -3.82 -4.22
CA ALA C 225 29.68 -3.69 -3.18
C ALA C 225 29.17 -4.43 -1.97
N VAL C 226 30.06 -5.10 -1.28
CA VAL C 226 29.64 -6.01 -0.21
C VAL C 226 29.26 -5.25 1.05
N PHE C 235 38.61 -21.97 -3.59
CA PHE C 235 37.44 -21.78 -4.44
C PHE C 235 36.65 -23.05 -4.64
N ILE C 236 37.35 -24.11 -4.98
CA ILE C 236 36.74 -25.31 -5.54
C ILE C 236 35.96 -26.06 -4.45
N LYS C 237 36.28 -25.74 -3.19
CA LYS C 237 35.56 -26.23 -2.01
C LYS C 237 34.08 -25.95 -2.07
N GLY C 238 33.68 -24.81 -2.60
CA GLY C 238 32.28 -24.59 -2.85
C GLY C 238 31.50 -24.16 -1.64
N VAL C 239 30.30 -23.62 -1.90
CA VAL C 239 29.62 -22.81 -0.91
C VAL C 239 28.25 -23.41 -0.62
N PHE C 240 28.00 -23.66 0.65
CA PHE C 240 26.66 -23.94 1.12
C PHE C 240 26.50 -23.27 2.46
N SER C 241 25.37 -22.62 2.64
CA SER C 241 25.11 -21.87 3.84
C SER C 241 23.62 -21.89 4.10
N GLN C 242 23.16 -20.95 4.92
CA GLN C 242 21.79 -20.46 4.90
C GLN C 242 20.77 -21.48 5.37
N GLU C 257 -0.68 -9.08 -10.60
CA GLU C 257 -0.08 -9.88 -11.65
C GLU C 257 0.38 -8.90 -12.74
N GLY C 258 1.25 -9.36 -13.63
CA GLY C 258 1.71 -8.54 -14.73
C GLY C 258 3.22 -8.39 -14.70
N ILE C 259 3.87 -9.14 -13.83
CA ILE C 259 5.30 -9.08 -13.63
C ILE C 259 5.97 -9.82 -14.76
N GLN C 260 6.54 -9.09 -15.69
CA GLN C 260 7.43 -9.67 -16.67
C GLN C 260 8.67 -8.83 -16.91
N THR C 261 8.60 -7.52 -16.69
CA THR C 261 9.62 -6.56 -17.05
C THR C 261 9.66 -5.46 -16.00
N LEU C 262 10.65 -5.52 -15.11
CA LEU C 262 10.74 -4.56 -14.00
C LEU C 262 12.13 -3.95 -13.98
N PRO C 263 12.35 -2.71 -14.44
CA PRO C 263 11.59 -1.50 -14.79
C PRO C 263 10.40 -1.72 -15.71
N PRO C 264 9.25 -1.08 -15.41
CA PRO C 264 7.92 -1.42 -15.92
C PRO C 264 7.79 -1.38 -17.45
N LEU C 269 14.91 2.02 -15.69
CA LEU C 269 16.27 2.30 -15.24
C LEU C 269 16.41 3.76 -14.91
N GLY C 270 17.28 4.07 -13.96
CA GLY C 270 17.73 5.44 -13.75
C GLY C 270 16.72 6.32 -13.10
N SER C 271 15.64 6.63 -13.81
CA SER C 271 14.49 7.27 -13.19
C SER C 271 13.81 6.34 -12.19
N THR C 272 13.93 5.03 -12.38
CA THR C 272 13.39 4.08 -11.44
C THR C 272 14.21 4.03 -10.17
N GLY C 273 15.48 4.42 -10.28
CA GLY C 273 16.39 4.34 -9.19
C GLY C 273 17.06 2.99 -9.03
N GLN C 274 16.64 2.00 -9.81
CA GLN C 274 17.34 0.73 -9.82
C GLN C 274 18.76 0.95 -10.29
N PRO C 275 19.75 0.41 -9.59
CA PRO C 275 21.10 0.39 -10.14
C PRO C 275 21.21 -0.29 -11.48
N PHE C 276 20.37 -1.28 -11.78
CA PHE C 276 20.37 -1.88 -13.10
C PHE C 276 19.05 -2.51 -13.46
N THR C 277 19.01 -3.17 -14.61
CA THR C 277 17.75 -3.59 -15.24
C THR C 277 17.60 -5.09 -15.04
N MET C 278 16.42 -5.51 -14.57
CA MET C 278 16.12 -6.94 -14.51
C MET C 278 15.73 -7.43 -15.89
N ASP C 279 15.22 -8.65 -15.93
CA ASP C 279 13.94 -9.03 -16.58
C ASP C 279 13.69 -10.51 -16.43
N SER C 280 12.49 -10.91 -16.84
CA SER C 280 12.11 -12.31 -16.89
C SER C 280 11.85 -12.80 -18.32
N GLY C 281 12.13 -11.98 -19.33
CA GLY C 281 12.10 -12.46 -20.69
C GLY C 281 10.69 -12.58 -21.24
N ALA C 282 10.46 -13.65 -22.01
CA ALA C 282 9.17 -13.90 -22.62
C ALA C 282 8.19 -14.32 -21.53
N GLU C 283 6.90 -14.16 -21.80
CA GLU C 283 5.87 -14.36 -20.78
C GLU C 283 5.72 -15.82 -20.38
N ALA C 284 5.73 -16.71 -21.37
CA ALA C 284 5.43 -18.10 -21.08
C ALA C 284 6.58 -18.81 -20.39
N THR C 285 7.83 -18.50 -20.76
CA THR C 285 8.96 -19.24 -20.25
C THR C 285 9.40 -18.79 -18.87
N SER C 286 8.98 -17.63 -18.42
CA SER C 286 9.21 -17.15 -17.06
C SER C 286 8.21 -16.04 -16.76
N GLY C 287 7.87 -15.89 -15.50
CA GLY C 287 6.98 -14.85 -15.08
C GLY C 287 7.68 -13.52 -15.12
N VAL C 301 32.27 -14.81 -7.57
CA VAL C 301 32.81 -15.88 -8.39
C VAL C 301 33.45 -15.28 -9.62
N SER C 302 34.76 -15.31 -9.60
CA SER C 302 35.58 -14.69 -10.62
C SER C 302 36.51 -15.75 -11.18
N ALA C 303 36.57 -15.85 -12.49
CA ALA C 303 37.56 -16.68 -13.14
C ALA C 303 38.59 -15.77 -13.78
N PRO C 304 39.87 -15.93 -13.51
CA PRO C 304 40.89 -15.21 -14.28
C PRO C 304 41.07 -15.80 -15.66
N GLU C 305 42.10 -15.33 -16.36
CA GLU C 305 42.20 -15.66 -17.78
C GLU C 305 43.51 -16.35 -18.09
N ALA C 315 18.89 -24.46 -6.79
CA ALA C 315 17.94 -24.04 -5.77
C ALA C 315 17.41 -25.25 -5.04
N TRP C 316 17.52 -25.21 -3.71
CA TRP C 316 17.07 -26.29 -2.85
C TRP C 316 16.49 -25.69 -1.58
N SER C 317 15.20 -25.43 -1.57
CA SER C 317 14.59 -24.66 -0.49
C SER C 317 13.23 -25.21 -0.14
N CYS C 318 12.60 -24.56 0.83
CA CYS C 318 11.30 -24.92 1.41
C CYS C 318 11.29 -26.35 1.96
N PRO C 323 -3.92 -21.40 -2.53
CA PRO C 323 -4.86 -22.22 -3.28
C PRO C 323 -6.22 -21.55 -3.41
N ASN C 324 -7.19 -22.36 -3.78
CA ASN C 324 -8.58 -22.06 -4.03
C ASN C 324 -9.31 -23.37 -4.29
N PRO C 325 -10.61 -23.47 -4.04
CA PRO C 325 -11.27 -24.78 -4.16
C PRO C 325 -11.53 -25.25 -5.57
N ASN C 326 -10.92 -24.68 -6.60
CA ASN C 326 -11.15 -25.15 -7.96
C ASN C 326 -9.88 -25.43 -8.74
N ALA C 327 -8.71 -25.15 -8.21
CA ALA C 327 -7.47 -25.43 -8.92
C ALA C 327 -6.68 -26.52 -8.19
N MET C 328 -5.72 -27.11 -8.89
CA MET C 328 -5.21 -28.46 -8.62
C MET C 328 -4.51 -28.68 -7.28
N LEU C 329 -3.99 -27.62 -6.66
CA LEU C 329 -3.20 -27.80 -5.46
C LEU C 329 -4.09 -28.02 -4.24
N TYR C 330 -5.40 -27.84 -4.43
CA TYR C 330 -6.38 -27.95 -3.36
C TYR C 330 -6.42 -29.31 -2.71
N GLN C 331 -6.09 -30.36 -3.45
CA GLN C 331 -6.12 -31.70 -2.89
C GLN C 331 -4.93 -31.98 -1.99
N PHE C 332 -3.76 -31.44 -2.32
CA PHE C 332 -2.60 -31.63 -1.46
C PHE C 332 -2.09 -30.37 -0.78
#